data_9RXY
#
_entry.id   9RXY
#
_cell.length_a   91.760
_cell.length_b   38.833
_cell.length_c   111.209
_cell.angle_alpha   90.00
_cell.angle_beta   96.65
_cell.angle_gamma   90.00
#
_symmetry.space_group_name_H-M   'C 1 2 1'
#
_entity_poly.entity_id   1
_entity_poly.type   'polypeptide(L)'
_entity_poly.pdbx_seq_one_letter_code
;MQSDTQEVNDITTLANLHYNGSTPADAFEAEVTNILDRLNNNGIPINNKVACQFIMRGLSGEYRSLRYARSRCINMTVAD
LFLDIHAIYEEQQEWRRPLEH
;
_entity_poly.pdbx_strand_id   A,B,C,D
#
# COMPACT_ATOMS: atom_id res chain seq x y z
N SER A 3 -13.59 -27.41 -6.88
CA SER A 3 -14.67 -27.47 -5.89
C SER A 3 -14.48 -26.43 -4.81
N ASP A 4 -13.29 -26.43 -4.19
CA ASP A 4 -12.96 -25.41 -3.20
C ASP A 4 -12.88 -24.03 -3.84
N THR A 5 -12.42 -23.95 -5.09
CA THR A 5 -12.27 -22.70 -5.82
C THR A 5 -13.44 -22.43 -6.75
N GLN A 6 -14.58 -23.08 -6.53
CA GLN A 6 -15.73 -22.95 -7.43
C GLN A 6 -16.19 -21.51 -7.54
N GLU A 7 -16.21 -20.77 -6.42
CA GLU A 7 -16.65 -19.38 -6.46
C GLU A 7 -15.71 -18.53 -7.31
N VAL A 8 -14.41 -18.72 -7.16
CA VAL A 8 -13.45 -17.94 -7.92
C VAL A 8 -13.55 -18.25 -9.40
N ASN A 9 -13.68 -19.54 -9.76
CA ASN A 9 -13.82 -19.91 -11.16
C ASN A 9 -15.10 -19.33 -11.77
N ASP A 10 -16.20 -19.37 -11.02
CA ASP A 10 -17.45 -18.82 -11.53
C ASP A 10 -17.36 -17.31 -11.70
N ILE A 11 -16.74 -16.61 -10.75
CA ILE A 11 -16.60 -15.17 -10.87
C ILE A 11 -15.70 -14.82 -12.06
N THR A 12 -14.63 -15.59 -12.25
CA THR A 12 -13.74 -15.33 -13.37
C THR A 12 -14.44 -15.55 -14.71
N THR A 13 -15.24 -16.63 -14.80
CA THR A 13 -15.95 -16.90 -16.05
C THR A 13 -17.02 -15.84 -16.31
N LEU A 14 -17.68 -15.37 -15.25
CA LEU A 14 -18.65 -14.29 -15.39
C LEU A 14 -17.99 -12.98 -15.82
N ALA A 15 -16.76 -12.73 -15.37
CA ALA A 15 -16.08 -11.49 -15.73
C ALA A 15 -15.56 -11.50 -17.17
N ASN A 16 -15.20 -12.67 -17.69
CA ASN A 16 -14.69 -12.80 -19.05
C ASN A 16 -15.65 -13.55 -19.96
N LEU A 17 -16.94 -13.22 -19.87
CA LEU A 17 -17.91 -13.79 -20.80
C LEU A 17 -17.62 -13.31 -22.22
N HIS A 18 -17.99 -14.13 -23.20
CA HIS A 18 -17.76 -13.79 -24.59
C HIS A 18 -18.73 -14.58 -25.46
N TYR A 19 -19.61 -13.87 -26.17
CA TYR A 19 -20.58 -14.48 -27.07
C TYR A 19 -20.68 -13.66 -28.34
N ASN A 20 -20.63 -14.35 -29.48
CA ASN A 20 -20.77 -13.70 -30.78
C ASN A 20 -21.74 -14.44 -31.69
N GLY A 21 -22.40 -15.48 -31.19
CA GLY A 21 -23.36 -16.23 -31.98
C GLY A 21 -22.84 -17.49 -32.63
N SER A 22 -21.56 -17.82 -32.43
CA SER A 22 -21.02 -19.04 -33.02
C SER A 22 -21.48 -20.29 -32.29
N THR A 23 -21.91 -20.17 -31.04
CA THR A 23 -22.49 -21.25 -30.25
C THR A 23 -23.99 -21.02 -30.06
N PRO A 24 -24.74 -22.07 -29.72
CA PRO A 24 -26.18 -21.88 -29.47
C PRO A 24 -26.43 -20.92 -28.32
N ALA A 25 -27.39 -20.03 -28.51
CA ALA A 25 -27.72 -19.05 -27.48
C ALA A 25 -28.30 -19.71 -26.23
N ASP A 26 -28.94 -20.87 -26.39
CA ASP A 26 -29.46 -21.59 -25.23
C ASP A 26 -28.33 -22.01 -24.29
N ALA A 27 -27.24 -22.53 -24.85
CA ALA A 27 -26.11 -22.94 -24.02
C ALA A 27 -25.48 -21.74 -23.33
N PHE A 28 -25.43 -20.59 -24.00
CA PHE A 28 -24.84 -19.40 -23.39
C PHE A 28 -25.71 -18.90 -22.25
N GLU A 29 -27.03 -18.80 -22.47
CA GLU A 29 -27.95 -18.45 -21.40
C GLU A 29 -27.80 -19.41 -20.23
N ALA A 30 -27.72 -20.71 -20.52
CA ALA A 30 -27.60 -21.69 -19.46
C ALA A 30 -26.31 -21.51 -18.67
N GLU A 31 -25.21 -21.21 -19.36
CA GLU A 31 -23.94 -21.05 -18.65
C GLU A 31 -23.95 -19.81 -17.78
N VAL A 32 -24.51 -18.70 -18.28
CA VAL A 32 -24.60 -17.49 -17.47
C VAL A 32 -25.51 -17.72 -16.27
N THR A 33 -26.65 -18.40 -16.47
CA THR A 33 -27.57 -18.65 -15.37
C THR A 33 -26.97 -19.58 -14.34
N ASN A 34 -26.25 -20.61 -14.78
CA ASN A 34 -25.59 -21.50 -13.84
C ASN A 34 -24.54 -20.77 -13.01
N ILE A 35 -23.76 -19.89 -13.66
CA ILE A 35 -22.77 -19.12 -12.92
C ILE A 35 -23.45 -18.26 -11.86
N LEU A 36 -24.49 -17.52 -12.27
CA LEU A 36 -25.17 -16.63 -11.33
C LEU A 36 -25.82 -17.40 -10.20
N ASP A 37 -26.39 -18.57 -10.50
CA ASP A 37 -27.08 -19.34 -9.47
C ASP A 37 -26.08 -19.94 -8.48
N ARG A 38 -24.97 -20.49 -8.97
CA ARG A 38 -23.95 -21.02 -8.05
C ARG A 38 -23.36 -19.91 -7.20
N LEU A 39 -23.20 -18.71 -7.78
CA LEU A 39 -22.62 -17.62 -7.00
C LEU A 39 -23.59 -17.12 -5.93
N ASN A 40 -24.88 -17.05 -6.26
CA ASN A 40 -25.86 -16.67 -5.24
C ASN A 40 -26.02 -17.75 -4.18
N ASN A 41 -25.92 -19.02 -4.55
CA ASN A 41 -26.01 -20.08 -3.56
C ASN A 41 -24.77 -20.16 -2.68
N ASN A 42 -23.63 -19.69 -3.17
CA ASN A 42 -22.40 -19.65 -2.39
C ASN A 42 -22.20 -18.33 -1.66
N GLY A 43 -23.19 -17.44 -1.68
CA GLY A 43 -23.11 -16.21 -0.92
C GLY A 43 -22.59 -15.00 -1.67
N ILE A 44 -22.65 -14.99 -3.00
CA ILE A 44 -22.21 -13.83 -3.77
C ILE A 44 -23.36 -13.38 -4.68
N PRO A 45 -24.21 -12.47 -4.23
CA PRO A 45 -25.37 -12.06 -5.04
C PRO A 45 -24.99 -11.06 -6.12
N ILE A 46 -25.38 -11.37 -7.35
CA ILE A 46 -25.12 -10.53 -8.52
C ILE A 46 -26.42 -9.88 -8.93
N ASN A 47 -26.50 -8.55 -8.80
CA ASN A 47 -27.70 -7.81 -9.13
C ASN A 47 -28.03 -7.93 -10.62
N ASN A 48 -29.27 -7.59 -10.95
CA ASN A 48 -29.70 -7.62 -12.35
C ASN A 48 -28.88 -6.65 -13.19
N LYS A 49 -28.56 -5.47 -12.64
CA LYS A 49 -27.75 -4.51 -13.38
C LYS A 49 -26.33 -5.03 -13.57
N VAL A 50 -25.77 -5.65 -12.54
CA VAL A 50 -24.41 -6.16 -12.63
C VAL A 50 -24.35 -7.33 -13.60
N ALA A 51 -25.30 -8.25 -13.51
CA ALA A 51 -25.36 -9.37 -14.45
C ALA A 51 -25.55 -8.88 -15.88
N CYS A 52 -26.38 -7.85 -16.07
CA CYS A 52 -26.55 -7.27 -17.41
C CYS A 52 -25.25 -6.70 -17.93
N GLN A 53 -24.54 -5.94 -17.09
CA GLN A 53 -23.28 -5.35 -17.50
C GLN A 53 -22.27 -6.42 -17.89
N PHE A 54 -22.18 -7.48 -17.07
CA PHE A 54 -21.26 -8.57 -17.38
C PHE A 54 -21.62 -9.25 -18.71
N ILE A 55 -22.90 -9.57 -18.91
CA ILE A 55 -23.29 -10.29 -20.13
C ILE A 55 -23.07 -9.41 -21.35
N MET A 56 -23.31 -8.10 -21.22
CA MET A 56 -23.16 -7.20 -22.36
C MET A 56 -21.70 -6.95 -22.70
N ARG A 57 -20.83 -6.87 -21.69
CA ARG A 57 -19.41 -6.72 -21.97
C ARG A 57 -18.87 -7.89 -22.79
N GLY A 58 -19.50 -9.05 -22.69
CA GLY A 58 -19.11 -10.22 -23.46
C GLY A 58 -19.68 -10.33 -24.85
N LEU A 59 -20.66 -9.50 -25.21
CA LEU A 59 -21.32 -9.65 -26.50
C LEU A 59 -20.41 -9.14 -27.62
N SER A 60 -20.20 -10.00 -28.62
CA SER A 60 -19.36 -9.69 -29.77
C SER A 60 -20.15 -9.86 -31.06
N GLY A 61 -19.57 -9.35 -32.15
CA GLY A 61 -20.21 -9.44 -33.44
C GLY A 61 -21.43 -8.54 -33.54
N GLU A 62 -22.46 -9.02 -34.26
CA GLU A 62 -23.71 -8.27 -34.36
C GLU A 62 -24.31 -8.03 -32.98
N TYR A 63 -24.09 -8.95 -32.04
CA TYR A 63 -24.61 -8.79 -30.69
C TYR A 63 -24.05 -7.57 -29.99
N ARG A 64 -22.95 -7.01 -30.49
CA ARG A 64 -22.43 -5.75 -29.96
C ARG A 64 -23.49 -4.66 -30.02
N SER A 65 -24.39 -4.74 -30.99
CA SER A 65 -25.52 -3.80 -31.07
C SER A 65 -26.28 -3.75 -29.75
N LEU A 66 -26.46 -4.92 -29.12
CA LEU A 66 -27.19 -4.98 -27.86
C LEU A 66 -26.55 -4.11 -26.78
N ARG A 67 -25.23 -3.91 -26.84
CA ARG A 67 -24.57 -3.06 -25.87
C ARG A 67 -25.14 -1.65 -25.86
N TYR A 68 -25.79 -1.21 -26.94
CA TYR A 68 -26.41 0.11 -26.96
C TYR A 68 -27.50 0.25 -25.91
N ALA A 69 -28.12 -0.87 -25.49
CA ALA A 69 -29.10 -0.82 -24.42
C ALA A 69 -28.47 -0.76 -23.04
N ARG A 70 -27.13 -0.58 -22.97
CA ARG A 70 -26.43 -0.57 -21.70
C ARG A 70 -26.83 0.60 -20.82
N SER A 71 -27.50 1.61 -21.39
CA SER A 71 -28.02 2.70 -20.57
C SER A 71 -29.09 2.20 -19.61
N ARG A 72 -29.82 1.15 -19.98
CA ARG A 72 -30.87 0.57 -19.15
C ARG A 72 -30.35 -0.76 -18.60
N CYS A 73 -29.49 -0.69 -17.58
CA CYS A 73 -29.01 -1.87 -16.89
C CYS A 73 -29.91 -2.22 -15.70
N ILE A 74 -30.21 -1.23 -14.85
CA ILE A 74 -31.18 -1.44 -13.79
C ILE A 74 -32.59 -1.51 -14.37
N ASN A 75 -32.84 -0.80 -15.47
CA ASN A 75 -34.16 -0.79 -16.09
C ASN A 75 -34.50 -2.08 -16.81
N MET A 76 -33.53 -2.99 -16.98
CA MET A 76 -33.71 -4.20 -17.76
C MET A 76 -33.29 -5.40 -16.95
N THR A 77 -34.02 -6.51 -17.11
CA THR A 77 -33.72 -7.77 -16.46
C THR A 77 -32.83 -8.62 -17.35
N VAL A 78 -32.13 -9.57 -16.71
CA VAL A 78 -31.31 -10.53 -17.43
C VAL A 78 -32.13 -11.25 -18.50
N ALA A 79 -33.40 -11.51 -18.20
CA ALA A 79 -34.26 -12.21 -19.13
C ALA A 79 -34.46 -11.43 -20.43
N ASP A 80 -34.63 -10.12 -20.34
CA ASP A 80 -34.82 -9.32 -21.56
C ASP A 80 -33.59 -9.33 -22.45
N LEU A 81 -32.40 -9.22 -21.84
CA LEU A 81 -31.16 -9.32 -22.61
C LEU A 81 -31.05 -10.68 -23.26
N PHE A 82 -31.43 -11.75 -22.55
CA PHE A 82 -31.39 -13.07 -23.15
C PHE A 82 -32.37 -13.20 -24.31
N LEU A 83 -33.54 -12.56 -24.20
CA LEU A 83 -34.49 -12.59 -25.32
C LEU A 83 -33.91 -11.85 -26.52
N ASP A 84 -33.24 -10.72 -26.30
CA ASP A 84 -32.61 -10.02 -27.41
C ASP A 84 -31.54 -10.88 -28.08
N ILE A 85 -30.69 -11.53 -27.27
CA ILE A 85 -29.66 -12.40 -27.83
C ILE A 85 -30.29 -13.54 -28.63
N HIS A 86 -31.35 -14.14 -28.09
CA HIS A 86 -32.03 -15.23 -28.80
C HIS A 86 -32.68 -14.74 -30.08
N ALA A 87 -33.19 -13.50 -30.10
CA ALA A 87 -33.75 -12.97 -31.33
C ALA A 87 -32.68 -12.83 -32.41
N ILE A 88 -31.53 -12.25 -32.05
CA ILE A 88 -30.45 -12.13 -33.02
C ILE A 88 -29.97 -13.50 -33.47
N TYR A 89 -29.95 -14.48 -32.57
CA TYR A 89 -29.46 -15.81 -32.94
C TYR A 89 -30.43 -16.54 -33.84
N GLU A 90 -31.73 -16.44 -33.56
CA GLU A 90 -32.74 -17.05 -34.43
C GLU A 90 -32.77 -16.38 -35.79
N GLU A 91 -32.52 -15.07 -35.84
CA GLU A 91 -32.44 -14.41 -37.14
C GLU A 91 -31.22 -14.87 -37.93
N GLN A 92 -30.18 -15.30 -37.24
CA GLN A 92 -28.98 -15.81 -37.91
C GLN A 92 -29.15 -17.29 -38.24
N ASP B 4 -21.76 3.52 -11.38
CA ASP B 4 -22.73 2.56 -11.89
C ASP B 4 -22.06 1.21 -12.14
N THR B 5 -20.82 1.23 -12.61
CA THR B 5 -20.05 0.03 -12.88
C THR B 5 -19.03 -0.25 -11.79
N GLN B 6 -19.17 0.37 -10.62
CA GLN B 6 -18.17 0.21 -9.57
C GLN B 6 -18.04 -1.25 -9.15
N GLU B 7 -19.16 -1.96 -9.01
CA GLU B 7 -19.10 -3.36 -8.63
C GLU B 7 -18.46 -4.21 -9.72
N VAL B 8 -18.81 -3.96 -10.98
CA VAL B 8 -18.26 -4.76 -12.07
C VAL B 8 -16.77 -4.51 -12.22
N ASN B 9 -16.34 -3.25 -12.17
CA ASN B 9 -14.91 -2.96 -12.28
C ASN B 9 -14.14 -3.52 -11.09
N ASP B 10 -14.70 -3.41 -9.88
CA ASP B 10 -14.00 -3.95 -8.71
C ASP B 10 -13.89 -5.47 -8.79
N ILE B 11 -14.97 -6.15 -9.20
CA ILE B 11 -14.91 -7.61 -9.32
C ILE B 11 -13.94 -8.02 -10.42
N THR B 12 -13.91 -7.27 -11.53
CA THR B 12 -12.98 -7.57 -12.60
C THR B 12 -11.53 -7.39 -12.16
N THR B 13 -11.25 -6.32 -11.41
CA THR B 13 -9.89 -6.09 -10.93
C THR B 13 -9.50 -7.13 -9.88
N LEU B 14 -10.45 -7.55 -9.05
CA LEU B 14 -10.19 -8.64 -8.11
C LEU B 14 -9.91 -9.94 -8.84
N ALA B 15 -10.57 -10.15 -9.98
CA ALA B 15 -10.38 -11.35 -10.78
C ALA B 15 -9.08 -11.30 -11.58
N ASN B 16 -8.61 -10.11 -11.93
CA ASN B 16 -7.39 -9.93 -12.71
C ASN B 16 -6.28 -9.30 -11.88
N LEU B 17 -6.12 -9.76 -10.64
CA LEU B 17 -4.99 -9.34 -9.83
C LEU B 17 -3.69 -9.86 -10.42
N HIS B 18 -2.61 -9.10 -10.22
CA HIS B 18 -1.30 -9.48 -10.73
C HIS B 18 -0.24 -8.74 -9.93
N TYR B 19 0.60 -9.49 -9.21
CA TYR B 19 1.67 -8.89 -8.42
C TYR B 19 2.94 -9.72 -8.56
N ASN B 20 4.06 -9.03 -8.81
CA ASN B 20 5.36 -9.68 -8.91
C ASN B 20 6.43 -8.97 -8.10
N GLY B 21 6.07 -7.96 -7.31
CA GLY B 21 7.01 -7.25 -6.47
C GLY B 21 7.57 -5.97 -7.06
N SER B 22 7.16 -5.58 -8.27
CA SER B 22 7.65 -4.35 -8.87
C SER B 22 7.02 -3.10 -8.26
N THR B 23 5.86 -3.22 -7.64
CA THR B 23 5.20 -2.14 -6.92
C THR B 23 5.24 -2.40 -5.42
N PRO B 24 5.03 -1.38 -4.59
CA PRO B 24 5.02 -1.60 -3.14
C PRO B 24 3.96 -2.60 -2.72
N ALA B 25 4.37 -3.58 -1.90
CA ALA B 25 3.44 -4.58 -1.41
C ALA B 25 2.37 -3.95 -0.53
N ASP B 26 2.71 -2.88 0.19
CA ASP B 26 1.71 -2.20 1.01
C ASP B 26 0.62 -1.58 0.15
N ALA B 27 1.00 -1.00 -1.00
CA ALA B 27 0.00 -0.42 -1.88
C ALA B 27 -0.89 -1.49 -2.50
N PHE B 28 -0.29 -2.62 -2.91
CA PHE B 28 -1.07 -3.74 -3.41
C PHE B 28 -2.06 -4.24 -2.38
N GLU B 29 -1.59 -4.44 -1.14
CA GLU B 29 -2.47 -4.82 -0.03
C GLU B 29 -3.61 -3.83 0.17
N ALA B 30 -3.27 -2.54 0.21
CA ALA B 30 -4.30 -1.54 0.48
C ALA B 30 -5.33 -1.48 -0.65
N GLU B 31 -4.88 -1.55 -1.89
CA GLU B 31 -5.82 -1.44 -3.02
C GLU B 31 -6.72 -2.66 -3.10
N VAL B 32 -6.16 -3.86 -2.88
CA VAL B 32 -7.00 -5.06 -2.85
C VAL B 32 -8.01 -4.96 -1.70
N THR B 33 -7.57 -4.42 -0.55
CA THR B 33 -8.49 -4.28 0.57
C THR B 33 -9.61 -3.29 0.24
N ASN B 34 -9.29 -2.21 -0.45
CA ASN B 34 -10.32 -1.27 -0.89
C ASN B 34 -11.30 -1.95 -1.85
N ILE B 35 -10.79 -2.78 -2.75
CA ILE B 35 -11.68 -3.51 -3.67
C ILE B 35 -12.65 -4.36 -2.86
N LEU B 36 -12.13 -5.14 -1.92
CA LEU B 36 -12.98 -6.01 -1.11
C LEU B 36 -13.97 -5.21 -0.27
N ASP B 37 -13.56 -4.06 0.25
CA ASP B 37 -14.43 -3.26 1.10
C ASP B 37 -15.56 -2.63 0.29
N ARG B 38 -15.25 -2.06 -0.89
CA ARG B 38 -16.30 -1.53 -1.73
C ARG B 38 -17.24 -2.62 -2.20
N LEU B 39 -16.72 -3.82 -2.44
CA LEU B 39 -17.59 -4.91 -2.89
C LEU B 39 -18.51 -5.39 -1.77
N ASN B 40 -18.01 -5.44 -0.53
CA ASN B 40 -18.87 -5.80 0.59
C ASN B 40 -19.91 -4.72 0.85
N ASN B 41 -19.54 -3.44 0.71
CA ASN B 41 -20.52 -2.36 0.91
C ASN B 41 -21.51 -2.27 -0.24
N ASN B 42 -21.17 -2.76 -1.43
CA ASN B 42 -22.08 -2.75 -2.55
C ASN B 42 -22.92 -4.03 -2.63
N GLY B 43 -22.84 -4.88 -1.62
CA GLY B 43 -23.66 -6.08 -1.56
C GLY B 43 -23.05 -7.33 -2.13
N ILE B 44 -21.72 -7.39 -2.25
CA ILE B 44 -21.06 -8.58 -2.77
C ILE B 44 -20.01 -9.04 -1.76
N PRO B 45 -20.37 -9.90 -0.81
CA PRO B 45 -19.41 -10.32 0.22
C PRO B 45 -18.44 -11.37 -0.33
N ILE B 46 -17.15 -11.09 -0.19
CA ILE B 46 -16.09 -11.97 -0.66
C ILE B 46 -15.47 -12.63 0.56
N ASN B 47 -15.64 -13.96 0.67
CA ASN B 47 -15.12 -14.68 1.82
C ASN B 47 -13.60 -14.56 1.88
N ASN B 48 -13.04 -14.87 3.06
CA ASN B 48 -11.59 -14.83 3.21
C ASN B 48 -10.91 -15.82 2.27
N LYS B 49 -11.53 -16.99 2.06
CA LYS B 49 -10.95 -17.98 1.16
C LYS B 49 -10.96 -17.47 -0.28
N VAL B 50 -12.04 -16.82 -0.70
CA VAL B 50 -12.15 -16.35 -2.08
C VAL B 50 -11.15 -15.23 -2.34
N ALA B 51 -11.07 -14.26 -1.42
CA ALA B 51 -10.08 -13.19 -1.55
C ALA B 51 -8.67 -13.75 -1.55
N CYS B 52 -8.40 -14.74 -0.69
CA CYS B 52 -7.09 -15.38 -0.68
C CYS B 52 -6.79 -16.01 -2.03
N GLN B 53 -7.76 -16.76 -2.58
CA GLN B 53 -7.54 -17.42 -3.86
C GLN B 53 -7.25 -16.42 -4.96
N PHE B 54 -7.99 -15.30 -4.98
CA PHE B 54 -7.73 -14.27 -5.98
C PHE B 54 -6.32 -13.70 -5.83
N ILE B 55 -5.93 -13.36 -4.60
CA ILE B 55 -4.63 -12.73 -4.39
C ILE B 55 -3.50 -13.70 -4.75
N MET B 56 -3.70 -14.98 -4.47
CA MET B 56 -2.66 -15.96 -4.80
C MET B 56 -2.58 -16.17 -6.30
N ARG B 57 -3.73 -16.19 -6.99
CA ARG B 57 -3.70 -16.23 -8.44
C ARG B 57 -2.99 -15.01 -9.01
N GLY B 58 -2.99 -13.89 -8.29
CA GLY B 58 -2.30 -12.71 -8.77
C GLY B 58 -0.81 -12.65 -8.47
N LEU B 59 -0.28 -13.50 -7.59
CA LEU B 59 1.12 -13.43 -7.23
C LEU B 59 2.01 -14.00 -8.32
N SER B 60 2.99 -13.21 -8.75
CA SER B 60 3.95 -13.61 -9.78
C SER B 60 5.36 -13.50 -9.23
N GLY B 61 6.31 -14.09 -9.96
CA GLY B 61 7.70 -14.05 -9.54
C GLY B 61 7.94 -14.91 -8.33
N GLU B 62 8.82 -14.45 -7.44
CA GLU B 62 9.09 -15.16 -6.19
C GLU B 62 7.81 -15.35 -5.39
N TYR B 63 6.88 -14.40 -5.49
CA TYR B 63 5.62 -14.49 -4.75
C TYR B 63 4.79 -15.70 -5.19
N ARG B 64 5.06 -16.24 -6.37
CA ARG B 64 4.42 -17.47 -6.81
C ARG B 64 4.66 -18.60 -5.82
N SER B 65 5.79 -18.55 -5.10
CA SER B 65 6.08 -19.52 -4.05
C SER B 65 4.93 -19.60 -3.05
N LEU B 66 4.34 -18.45 -2.71
CA LEU B 66 3.23 -18.46 -1.76
C LEU B 66 2.07 -19.32 -2.25
N ARG B 67 1.89 -19.43 -3.56
CA ARG B 67 0.84 -20.27 -4.11
C ARG B 67 0.94 -21.72 -3.65
N TYR B 68 2.13 -22.15 -3.20
CA TYR B 68 2.27 -23.52 -2.71
C TYR B 68 1.39 -23.75 -1.49
N ALA B 69 1.12 -22.71 -0.72
CA ALA B 69 0.22 -22.79 0.42
C ALA B 69 -1.25 -22.64 0.02
N ARG B 70 -1.55 -22.65 -1.28
CA ARG B 70 -2.92 -22.44 -1.75
C ARG B 70 -3.86 -23.55 -1.31
N SER B 71 -3.33 -24.69 -0.87
CA SER B 71 -4.20 -25.72 -0.31
C SER B 71 -4.85 -25.26 0.98
N ARG B 72 -4.19 -24.36 1.71
CA ARG B 72 -4.70 -23.82 2.96
C ARG B 72 -5.20 -22.39 2.79
N CYS B 73 -5.80 -22.08 1.63
CA CYS B 73 -6.44 -20.78 1.46
C CYS B 73 -7.57 -20.58 2.44
N ILE B 74 -8.29 -21.66 2.78
CA ILE B 74 -9.32 -21.58 3.82
C ILE B 74 -8.68 -21.38 5.18
N ASN B 75 -7.55 -22.06 5.42
CA ASN B 75 -6.83 -21.90 6.68
C ASN B 75 -6.02 -20.61 6.73
N MET B 76 -5.72 -20.02 5.58
CA MET B 76 -4.98 -18.76 5.56
C MET B 76 -5.93 -17.58 5.78
N THR B 77 -5.34 -16.42 6.03
CA THR B 77 -6.09 -15.19 6.22
C THR B 77 -5.59 -14.16 5.20
N VAL B 78 -6.49 -13.25 4.81
CA VAL B 78 -6.09 -12.16 3.93
C VAL B 78 -4.97 -11.36 4.57
N ALA B 79 -5.06 -11.12 5.88
CA ALA B 79 -4.01 -10.39 6.58
C ALA B 79 -2.70 -11.18 6.59
N ASP B 80 -2.78 -12.49 6.82
CA ASP B 80 -1.56 -13.31 6.85
C ASP B 80 -0.91 -13.38 5.47
N LEU B 81 -1.71 -13.55 4.42
CA LEU B 81 -1.17 -13.54 3.06
C LEU B 81 -0.52 -12.20 2.74
N PHE B 82 -1.17 -11.11 3.13
CA PHE B 82 -0.60 -9.79 2.88
C PHE B 82 0.70 -9.59 3.65
N LEU B 83 0.78 -10.14 4.88
CA LEU B 83 2.03 -10.06 5.63
C LEU B 83 3.14 -10.87 4.97
N ASP B 84 2.80 -12.06 4.44
CA ASP B 84 3.82 -12.83 3.71
C ASP B 84 4.30 -12.06 2.49
N ILE B 85 3.38 -11.43 1.76
CA ILE B 85 3.78 -10.62 0.62
C ILE B 85 4.68 -9.48 1.06
N HIS B 86 4.36 -8.84 2.19
CA HIS B 86 5.19 -7.76 2.71
C HIS B 86 6.57 -8.26 3.09
N ALA B 87 6.66 -9.48 3.63
CA ALA B 87 7.95 -10.05 3.99
C ALA B 87 8.81 -10.29 2.74
N ILE B 88 8.21 -10.91 1.71
CA ILE B 88 8.95 -11.13 0.47
C ILE B 88 9.38 -9.81 -0.15
N TYR B 89 8.53 -8.78 -0.02
CA TYR B 89 8.88 -7.48 -0.58
C TYR B 89 10.00 -6.81 0.20
N GLU B 90 10.00 -6.97 1.52
CA GLU B 90 11.09 -6.47 2.34
C GLU B 90 12.40 -7.17 2.01
N GLU B 91 12.33 -8.47 1.66
CA GLU B 91 13.52 -9.18 1.23
C GLU B 91 14.05 -8.66 -0.10
N GLN B 92 13.19 -8.08 -0.93
CA GLN B 92 13.61 -7.49 -2.19
C GLN B 92 14.15 -6.08 -1.98
N ASP C 4 25.73 9.64 25.74
CA ASP C 4 26.25 10.83 25.06
C ASP C 4 25.47 11.09 23.78
N THR C 5 25.00 10.03 23.14
CA THR C 5 24.23 10.11 21.90
C THR C 5 22.81 9.61 22.10
N GLN C 6 22.24 9.84 23.27
CA GLN C 6 20.85 9.45 23.50
C GLN C 6 19.90 10.23 22.61
N GLU C 7 20.15 11.53 22.42
CA GLU C 7 19.33 12.32 21.52
C GLU C 7 19.47 11.82 20.08
N VAL C 8 20.68 11.42 19.69
CA VAL C 8 20.90 10.94 18.33
C VAL C 8 20.16 9.63 18.10
N ASN C 9 20.28 8.69 19.05
CA ASN C 9 19.58 7.42 18.92
C ASN C 9 18.07 7.62 18.95
N ASP C 10 17.59 8.56 19.76
CA ASP C 10 16.16 8.81 19.83
C ASP C 10 15.64 9.42 18.53
N ILE C 11 16.38 10.37 17.95
CA ILE C 11 15.97 10.95 16.67
C ILE C 11 16.03 9.91 15.57
N THR C 12 17.01 9.00 15.62
CA THR C 12 17.10 7.94 14.64
C THR C 12 15.89 7.01 14.73
N THR C 13 15.55 6.59 15.96
CA THR C 13 14.38 5.73 16.15
C THR C 13 13.11 6.44 15.71
N LEU C 14 13.00 7.74 16.00
CA LEU C 14 11.82 8.49 15.58
C LEU C 14 11.74 8.59 14.06
N ALA C 15 12.88 8.67 13.37
CA ALA C 15 12.88 8.70 11.92
C ALA C 15 12.65 7.32 11.30
N ASN C 16 12.98 6.25 12.02
CA ASN C 16 12.80 4.88 11.54
C ASN C 16 11.70 4.16 12.30
N LEU C 17 10.64 4.88 12.67
CA LEU C 17 9.49 4.22 13.28
C LEU C 17 8.85 3.25 12.29
N HIS C 18 8.27 2.18 12.83
CA HIS C 18 7.65 1.16 12.01
C HIS C 18 6.64 0.40 12.84
N TYR C 19 5.41 0.27 12.32
CA TYR C 19 4.38 -0.51 12.98
C TYR C 19 3.43 -1.06 11.92
N ASN C 20 3.05 -2.32 12.07
CA ASN C 20 2.12 -2.95 11.14
C ASN C 20 1.08 -3.83 11.82
N GLY C 21 0.93 -3.74 13.14
CA GLY C 21 -0.01 -4.56 13.86
C GLY C 21 0.54 -5.85 14.43
N SER C 22 1.84 -6.11 14.28
CA SER C 22 2.44 -7.31 14.84
C SER C 22 2.82 -7.13 16.29
N THR C 23 3.10 -5.90 16.72
CA THR C 23 3.47 -5.63 18.10
C THR C 23 2.29 -5.05 18.88
CA ALA C 27 3.90 -0.70 23.16
C ALA C 27 4.51 0.27 22.15
N PHE C 28 3.94 0.31 20.94
CA PHE C 28 4.41 1.24 19.93
C PHE C 28 4.12 2.69 20.32
N GLU C 29 2.95 2.93 20.93
CA GLU C 29 2.63 4.27 21.39
C GLU C 29 3.38 4.64 22.66
N ALA C 30 3.71 3.65 23.50
CA ALA C 30 4.46 3.92 24.72
C ALA C 30 5.93 4.15 24.43
N GLU C 31 6.50 3.39 23.48
CA GLU C 31 7.90 3.62 23.10
C GLU C 31 8.06 4.92 22.33
N VAL C 32 7.12 5.22 21.44
CA VAL C 32 7.18 6.49 20.69
C VAL C 32 7.04 7.67 21.66
N THR C 33 6.16 7.54 22.65
CA THR C 33 6.07 8.58 23.68
C THR C 33 7.39 8.73 24.43
N ASN C 34 8.07 7.61 24.68
CA ASN C 34 9.37 7.67 25.35
C ASN C 34 10.40 8.39 24.52
N ILE C 35 10.33 8.26 23.19
CA ILE C 35 11.30 8.94 22.33
C ILE C 35 11.02 10.44 22.30
N LEU C 36 9.75 10.82 22.23
CA LEU C 36 9.40 12.24 22.24
C LEU C 36 9.64 12.87 23.61
N ASP C 37 9.56 12.07 24.67
CA ASP C 37 9.85 12.59 26.01
C ASP C 37 11.34 12.66 26.28
N ARG C 38 12.10 11.69 25.76
CA ARG C 38 13.55 11.69 26.00
C ARG C 38 14.22 12.84 25.25
N LEU C 39 13.75 13.15 24.04
CA LEU C 39 14.32 14.27 23.29
C LEU C 39 13.93 15.60 23.93
N ASN C 40 12.68 15.71 24.41
CA ASN C 40 12.27 16.92 25.12
C ASN C 40 13.06 17.10 26.40
N ASN C 41 13.44 16.00 27.06
CA ASN C 41 14.32 16.09 28.21
C ASN C 41 15.72 16.52 27.80
N ASN C 42 16.14 16.18 26.58
CA ASN C 42 17.45 16.54 26.06
C ASN C 42 17.47 17.91 25.38
N GLY C 43 16.36 18.66 25.46
CA GLY C 43 16.32 19.99 24.89
C GLY C 43 15.80 20.07 23.48
N ILE C 44 15.18 19.01 22.98
CA ILE C 44 14.66 18.96 21.61
C ILE C 44 13.16 18.73 21.70
N PRO C 45 12.36 19.79 21.68
CA PRO C 45 10.90 19.62 21.76
C PRO C 45 10.33 19.14 20.43
N ILE C 46 9.58 18.04 20.48
CA ILE C 46 8.91 17.48 19.31
C ILE C 46 7.45 17.88 19.37
N ASN C 47 7.02 18.67 18.39
CA ASN C 47 5.63 19.14 18.36
C ASN C 47 4.69 17.98 18.07
N ASN C 48 3.39 18.29 18.13
CA ASN C 48 2.38 17.29 17.77
C ASN C 48 2.46 16.95 16.29
N LYS C 49 2.72 17.94 15.44
CA LYS C 49 2.78 17.71 14.01
C LYS C 49 3.93 16.78 13.64
N VAL C 50 5.12 17.03 14.21
CA VAL C 50 6.30 16.23 13.88
C VAL C 50 6.09 14.79 14.36
N ALA C 51 5.60 14.63 15.58
CA ALA C 51 5.36 13.29 16.12
C ALA C 51 4.33 12.54 15.29
N CYS C 52 3.23 13.22 14.92
CA CYS C 52 2.21 12.56 14.11
C CYS C 52 2.73 12.17 12.75
N GLN C 53 3.54 13.04 12.12
CA GLN C 53 4.08 12.72 10.80
C GLN C 53 5.05 11.54 10.87
N PHE C 54 5.87 11.48 11.91
CA PHE C 54 6.78 10.34 12.05
C PHE C 54 6.01 9.05 12.32
N ILE C 55 4.97 9.12 13.14
CA ILE C 55 4.17 7.94 13.43
C ILE C 55 3.42 7.47 12.19
N MET C 56 2.98 8.40 11.35
CA MET C 56 2.28 8.03 10.13
C MET C 56 3.23 7.43 9.11
N ARG C 57 4.41 8.02 8.95
CA ARG C 57 5.43 7.44 8.09
C ARG C 57 5.88 6.07 8.59
N GLY C 58 5.73 5.81 9.88
CA GLY C 58 6.01 4.50 10.42
C GLY C 58 4.86 3.50 10.35
N LEU C 59 3.68 3.94 9.93
CA LEU C 59 2.50 3.09 9.91
C LEU C 59 2.47 2.31 8.59
N SER C 60 2.50 0.99 8.68
CA SER C 60 2.38 0.10 7.53
C SER C 60 1.19 -0.83 7.73
N GLY C 61 1.04 -1.79 6.82
CA GLY C 61 -0.08 -2.73 6.92
C GLY C 61 -1.42 -2.01 6.74
N GLU C 62 -2.39 -2.40 7.57
CA GLU C 62 -3.70 -1.76 7.53
C GLU C 62 -3.65 -0.35 8.10
N TYR C 63 -2.65 -0.02 8.92
CA TYR C 63 -2.52 1.31 9.47
C TYR C 63 -2.10 2.34 8.43
N ARG C 64 -1.66 1.92 7.25
CA ARG C 64 -1.31 2.83 6.18
C ARG C 64 -2.53 3.48 5.54
N SER C 65 -3.74 3.15 5.99
CA SER C 65 -4.94 3.79 5.47
C SER C 65 -5.07 5.24 5.94
N LEU C 66 -4.42 5.60 7.05
CA LEU C 66 -4.50 6.96 7.54
C LEU C 66 -3.75 7.94 6.63
N ARG C 67 -2.48 7.64 6.35
CA ARG C 67 -1.63 8.51 5.54
C ARG C 67 -2.21 8.71 4.14
N ASN C 75 -3.55 18.71 12.51
CA ASN C 75 -4.94 18.81 12.91
C ASN C 75 -5.33 17.66 13.82
N MET C 76 -4.62 16.54 13.69
CA MET C 76 -4.82 15.38 14.54
C MET C 76 -3.79 15.39 15.66
N THR C 77 -4.24 15.05 16.87
CA THR C 77 -3.34 15.00 18.01
C THR C 77 -2.60 13.66 18.03
N VAL C 78 -1.43 13.67 18.67
CA VAL C 78 -0.66 12.44 18.81
C VAL C 78 -1.43 11.40 19.62
N ALA C 79 -2.24 11.85 20.58
CA ALA C 79 -3.13 10.94 21.29
C ALA C 79 -4.26 10.46 20.40
N ASP C 80 -4.66 11.25 19.41
CA ASP C 80 -5.72 10.85 18.50
C ASP C 80 -5.22 9.84 17.47
N LEU C 81 -4.01 10.03 16.96
CA LEU C 81 -3.45 9.07 16.02
C LEU C 81 -3.13 7.74 16.69
N PHE C 82 -2.72 7.78 17.96
CA PHE C 82 -2.51 6.56 18.72
C PHE C 82 -3.81 5.89 19.14
N LEU C 83 -4.91 6.64 19.16
CA LEU C 83 -6.20 6.04 19.48
C LEU C 83 -6.68 5.14 18.35
N ASP C 84 -6.54 5.58 17.11
CA ASP C 84 -6.92 4.75 15.97
C ASP C 84 -6.02 3.53 15.85
N ILE C 85 -4.73 3.70 16.13
CA ILE C 85 -3.80 2.57 16.08
C ILE C 85 -4.16 1.54 17.14
N HIS C 86 -4.63 2.00 18.30
CA HIS C 86 -5.11 1.08 19.33
C HIS C 86 -6.46 0.48 18.98
N ALA C 87 -7.26 1.18 18.16
CA ALA C 87 -8.55 0.66 17.76
C ALA C 87 -8.44 -0.37 16.65
N ILE C 88 -7.56 -0.13 15.68
CA ILE C 88 -7.35 -1.09 14.60
C ILE C 88 -6.74 -2.38 15.15
N TYR C 89 -5.77 -2.25 16.04
CA TYR C 89 -5.12 -3.41 16.65
C TYR C 89 -6.09 -4.23 17.48
N SER D 3 7.82 22.28 3.54
CA SER D 3 6.75 23.14 4.01
C SER D 3 6.12 22.60 5.29
N ASP D 4 5.12 21.73 5.12
CA ASP D 4 4.48 21.12 6.28
C ASP D 4 5.35 20.03 6.89
N THR D 5 6.06 19.26 6.06
CA THR D 5 6.94 18.19 6.51
C THR D 5 8.40 18.60 6.50
N GLN D 6 8.69 19.90 6.44
CA GLN D 6 10.08 20.36 6.34
C GLN D 6 10.91 19.88 7.52
N GLU D 7 10.34 19.94 8.73
CA GLU D 7 11.07 19.50 9.91
C GLU D 7 11.33 17.99 9.86
N VAL D 8 10.36 17.20 9.42
CA VAL D 8 10.54 15.75 9.36
C VAL D 8 11.61 15.40 8.34
N ASN D 9 11.57 16.05 7.16
CA ASN D 9 12.59 15.80 6.15
C ASN D 9 13.97 16.23 6.64
N ASP D 10 14.04 17.36 7.37
CA ASP D 10 15.31 17.82 7.88
C ASP D 10 15.88 16.84 8.91
N ILE D 11 15.04 16.32 9.81
CA ILE D 11 15.51 15.37 10.80
C ILE D 11 15.94 14.07 10.13
N THR D 12 15.18 13.62 9.12
CA THR D 12 15.54 12.39 8.41
C THR D 12 16.86 12.55 7.68
N THR D 13 17.07 13.69 7.02
CA THR D 13 18.32 13.91 6.29
C THR D 13 19.49 14.07 7.26
N LEU D 14 19.26 14.70 8.41
CA LEU D 14 20.31 14.78 9.42
C LEU D 14 20.67 13.41 9.95
N ALA D 15 19.68 12.51 10.06
CA ALA D 15 19.97 11.17 10.54
C ALA D 15 20.64 10.31 9.48
N ASN D 16 20.38 10.57 8.20
CA ASN D 16 20.96 9.81 7.10
C ASN D 16 21.95 10.65 6.30
N LEU D 17 22.78 11.42 6.98
CA LEU D 17 23.84 12.14 6.29
C LEU D 17 24.86 11.16 5.74
N HIS D 18 25.48 11.52 4.62
CA HIS D 18 26.46 10.66 3.98
C HIS D 18 27.32 11.50 3.05
N TYR D 19 28.62 11.57 3.32
CA TYR D 19 29.54 12.32 2.48
C TYR D 19 30.82 11.53 2.30
N ASN D 20 31.28 11.44 1.04
CA ASN D 20 32.52 10.74 0.72
C ASN D 20 33.44 11.56 -0.18
N GLY D 21 33.06 12.80 -0.49
CA GLY D 21 33.88 13.67 -1.32
C GLY D 21 33.53 13.68 -2.78
N SER D 22 32.54 12.89 -3.21
CA SER D 22 32.11 12.90 -4.61
C SER D 22 31.30 14.13 -4.97
N THR D 23 30.71 14.78 -3.97
CA THR D 23 30.00 16.03 -4.14
C THR D 23 30.80 17.16 -3.50
N PRO D 24 30.55 18.43 -3.88
CA PRO D 24 31.26 19.56 -3.26
C PRO D 24 31.04 19.66 -1.75
CA ALA D 27 27.36 21.98 -1.21
C ALA D 27 26.92 21.18 0.01
N PHE D 28 27.73 20.18 0.38
CA PHE D 28 27.42 19.36 1.55
C PHE D 28 27.38 20.19 2.82
N GLU D 29 28.40 21.04 3.01
CA GLU D 29 28.39 21.97 4.14
C GLU D 29 27.15 22.86 4.12
N ALA D 30 26.83 23.41 2.94
CA ALA D 30 25.67 24.31 2.84
C ALA D 30 24.37 23.57 3.11
N GLU D 31 24.24 22.35 2.58
CA GLU D 31 22.98 21.61 2.73
C GLU D 31 22.76 21.20 4.19
N VAL D 32 23.81 20.76 4.87
CA VAL D 32 23.69 20.45 6.30
C VAL D 32 23.39 21.72 7.08
N THR D 33 24.00 22.85 6.70
CA THR D 33 23.79 24.09 7.43
C THR D 33 22.33 24.56 7.32
N ASN D 34 21.72 24.41 6.15
CA ASN D 34 20.31 24.75 6.01
C ASN D 34 19.45 23.88 6.91
N ILE D 35 19.80 22.59 7.02
CA ILE D 35 19.05 21.68 7.87
C ILE D 35 19.06 22.16 9.32
N LEU D 36 20.24 22.49 9.84
CA LEU D 36 20.33 22.94 11.22
C LEU D 36 19.59 24.25 11.43
N ASP D 37 19.66 25.16 10.44
CA ASP D 37 18.98 26.44 10.58
C ASP D 37 17.46 26.28 10.45
N ARG D 38 17.01 25.49 9.46
CA ARG D 38 15.57 25.26 9.31
C ARG D 38 14.99 24.51 10.50
N LEU D 39 15.77 23.60 11.08
CA LEU D 39 15.28 22.86 12.24
C LEU D 39 15.18 23.75 13.46
N ASN D 40 16.13 24.67 13.63
CA ASN D 40 16.07 25.62 14.74
C ASN D 40 14.91 26.59 14.57
N ASN D 41 14.59 26.96 13.33
CA ASN D 41 13.48 27.88 13.09
C ASN D 41 12.13 27.23 13.34
N ASN D 42 12.04 25.90 13.23
CA ASN D 42 10.80 25.17 13.48
C ASN D 42 10.70 24.67 14.92
N GLY D 43 11.62 25.07 15.80
CA GLY D 43 11.56 24.67 17.19
C GLY D 43 12.35 23.42 17.53
N ILE D 44 13.34 23.07 16.73
CA ILE D 44 14.19 21.91 17.00
C ILE D 44 15.64 22.39 17.00
N PRO D 45 16.19 22.76 18.16
CA PRO D 45 17.54 23.30 18.20
C PRO D 45 18.56 22.18 18.09
N ILE D 46 19.49 22.32 17.14
CA ILE D 46 20.54 21.33 16.93
C ILE D 46 21.83 21.90 17.50
N ASN D 47 22.28 21.32 18.61
CA ASN D 47 23.51 21.76 19.24
C ASN D 47 24.69 21.49 18.33
N ASN D 48 25.82 22.11 18.64
CA ASN D 48 27.04 21.86 17.87
C ASN D 48 27.44 20.39 17.95
N LYS D 49 27.28 19.77 19.12
CA LYS D 49 27.69 18.39 19.27
C LYS D 49 26.81 17.44 18.45
N VAL D 50 25.49 17.64 18.45
CA VAL D 50 24.60 16.71 17.75
C VAL D 50 24.79 16.79 16.24
N ALA D 51 24.83 18.01 15.72
CA ALA D 51 25.15 18.19 14.30
C ALA D 51 26.51 17.62 13.98
N CYS D 52 27.47 17.76 14.91
CA CYS D 52 28.78 17.17 14.71
C CYS D 52 28.70 15.66 14.57
N GLN D 53 27.97 14.98 15.48
CA GLN D 53 27.87 13.52 15.36
C GLN D 53 27.21 13.13 14.06
N PHE D 54 26.16 13.84 13.65
CA PHE D 54 25.50 13.51 12.39
C PHE D 54 26.49 13.63 11.22
N ILE D 55 27.22 14.75 11.15
CA ILE D 55 28.13 14.97 10.03
C ILE D 55 29.27 13.96 10.05
N MET D 56 29.75 13.55 11.24
CA MET D 56 30.84 12.58 11.28
C MET D 56 30.34 11.18 10.93
N ARG D 57 29.14 10.82 11.37
CA ARG D 57 28.55 9.54 10.96
C ARG D 57 28.33 9.52 9.46
N GLY D 58 28.16 10.69 8.83
CA GLY D 58 28.01 10.72 7.39
C GLY D 58 29.31 10.69 6.60
N LEU D 59 30.44 10.89 7.27
CA LEU D 59 31.73 10.96 6.59
C LEU D 59 32.19 9.56 6.16
N SER D 60 32.48 9.40 4.87
CA SER D 60 32.95 8.15 4.31
C SER D 60 34.29 8.37 3.62
N GLY D 61 34.97 7.26 3.31
CA GLY D 61 36.26 7.37 2.64
C GLY D 61 37.34 7.90 3.56
N GLU D 62 38.22 8.72 2.98
CA GLU D 62 39.26 9.37 3.78
C GLU D 62 38.65 10.19 4.91
N TYR D 63 37.46 10.75 4.68
CA TYR D 63 36.77 11.53 5.70
C TYR D 63 36.45 10.71 6.94
N ARG D 64 36.54 9.38 6.86
CA ARG D 64 36.39 8.56 8.06
C ARG D 64 37.38 8.96 9.14
N SER D 65 38.55 9.49 8.74
CA SER D 65 39.48 10.01 9.73
C SER D 65 38.81 11.05 10.62
N LEU D 66 38.02 11.93 10.02
CA LEU D 66 37.31 12.94 10.82
C LEU D 66 36.37 12.29 11.82
N ARG D 67 35.73 11.18 11.43
CA ARG D 67 34.85 10.48 12.35
C ARG D 67 35.61 9.97 13.58
N TYR D 68 36.92 9.75 13.44
CA TYR D 68 37.73 9.32 14.56
C TYR D 68 37.73 10.35 15.69
N ALA D 69 37.49 11.62 15.35
CA ALA D 69 37.40 12.69 16.32
C ALA D 69 36.05 12.76 17.02
N ARG D 70 35.21 11.73 16.88
CA ARG D 70 33.87 11.78 17.47
C ARG D 70 33.89 11.90 18.99
N SER D 71 35.03 11.63 19.63
CA SER D 71 35.13 11.85 21.07
C SER D 71 35.03 13.32 21.43
N ARG D 72 35.47 14.21 20.53
CA ARG D 72 35.39 15.65 20.79
C ARG D 72 34.30 16.29 19.93
N THR D 77 33.66 22.00 16.80
CA THR D 77 32.57 22.82 16.30
C THR D 77 32.17 22.31 14.91
N VAL D 78 30.90 22.52 14.55
CA VAL D 78 30.43 22.16 13.21
C VAL D 78 31.26 22.87 12.15
N ALA D 79 31.63 24.13 12.41
CA ALA D 79 32.44 24.88 11.45
C ALA D 79 33.80 24.25 11.25
N ASP D 80 34.43 23.78 12.33
CA ASP D 80 35.74 23.16 12.20
C ASP D 80 35.65 21.85 11.42
N LEU D 81 34.62 21.05 11.68
CA LEU D 81 34.41 19.82 10.92
C LEU D 81 34.19 20.11 9.44
N PHE D 82 33.39 21.13 9.13
CA PHE D 82 33.17 21.49 7.74
C PHE D 82 34.44 22.00 7.07
N LEU D 83 35.28 22.72 7.83
CA LEU D 83 36.57 23.15 7.28
C LEU D 83 37.47 21.95 7.00
N ASP D 84 37.45 20.95 7.89
CA ASP D 84 38.22 19.73 7.66
C ASP D 84 37.75 19.03 6.40
N ILE D 85 36.43 18.91 6.23
CA ILE D 85 35.86 18.28 5.04
C ILE D 85 36.27 19.04 3.79
N HIS D 86 36.20 20.38 3.84
CA HIS D 86 36.58 21.19 2.68
C HIS D 86 38.06 21.04 2.36
N ALA D 87 38.90 20.91 3.38
CA ALA D 87 40.33 20.70 3.15
C ALA D 87 40.57 19.36 2.46
N ILE D 88 39.95 18.30 2.97
CA ILE D 88 40.10 16.98 2.35
C ILE D 88 39.57 17.01 0.92
N TYR D 89 38.51 17.77 0.67
CA TYR D 89 37.97 17.86 -0.69
C TYR D 89 38.93 18.61 -1.61
N GLU D 90 39.58 19.65 -1.10
CA GLU D 90 40.59 20.36 -1.88
C GLU D 90 41.78 19.45 -2.18
N GLU D 91 42.13 18.55 -1.26
CA GLU D 91 43.18 17.60 -1.53
C GLU D 91 42.77 16.59 -2.61
N GLN D 92 41.47 16.34 -2.75
CA GLN D 92 40.99 15.45 -3.79
C GLN D 92 40.83 16.20 -5.12
#